data_5PO1
#
_entry.id   5PO1
#
_cell.length_a   55.428
_cell.length_b   56.416
_cell.length_c   101.896
_cell.angle_alpha   90.000
_cell.angle_beta   90.000
_cell.angle_gamma   90.000
#
_symmetry.space_group_name_H-M   'P 21 21 21'
#
loop_
_entity.id
_entity.type
_entity.pdbx_description
1 polymer 'Bromodomain-containing protein 1'
2 non-polymer 1,2-ETHANEDIOL
3 non-polymer 'SODIUM ION'
4 non-polymer 5-methyl-N-[(thiophen-2-yl)methyl]-1,2-oxazol-3-amine
5 water water
#
_entity_poly.entity_id   1
_entity_poly.type   'polypeptide(L)'
_entity_poly.pdbx_seq_one_letter_code
;MHHHHHHSSGVDLGTENLYFQSMEQVAMELRLTELTRLLRSVLDQLQDKDPARIFAQPVSLKEVPDYLDHIKHPMDFATM
RKRLEAQGYKNLHEFEEDFDLIIDNCMKYNARDTVFYRAAVRLRDQGGVVLRQARREVDSIGLEEASGMHLPERPA
;
_entity_poly.pdbx_strand_id   A,B
#
# COMPACT_ATOMS: atom_id res chain seq x y z
N SER A 22 -16.12 -2.97 33.20
CA SER A 22 -15.14 -3.78 33.92
C SER A 22 -13.85 -3.02 34.12
N MET A 23 -13.05 -3.47 35.09
CA MET A 23 -11.74 -2.88 35.33
CA MET A 23 -11.74 -2.85 35.32
C MET A 23 -10.81 -3.12 34.14
N GLU A 24 -10.95 -4.30 33.53
CA GLU A 24 -10.12 -4.66 32.38
C GLU A 24 -10.36 -3.68 31.21
N GLN A 25 -11.63 -3.34 30.98
CA GLN A 25 -11.99 -2.40 29.91
C GLN A 25 -11.37 -1.04 30.16
N VAL A 26 -11.46 -0.56 31.40
CA VAL A 26 -10.84 0.70 31.79
C VAL A 26 -9.34 0.72 31.57
N ALA A 27 -8.69 -0.38 31.91
CA ALA A 27 -7.24 -0.50 31.77
C ALA A 27 -6.86 -0.41 30.29
N MET A 28 -7.64 -1.10 29.46
CA MET A 28 -7.42 -1.05 28.01
C MET A 28 -7.60 0.36 27.48
N GLU A 29 -8.62 1.04 28.02
CA GLU A 29 -8.89 2.41 27.58
C GLU A 29 -7.77 3.36 28.01
N LEU A 30 -7.16 3.11 29.17
CA LEU A 30 -6.03 3.92 29.62
C LEU A 30 -4.82 3.73 28.70
N ARG A 31 -4.62 2.49 28.26
CA ARG A 31 -3.54 2.17 27.33
C ARG A 31 -3.74 2.91 26.01
N LEU A 32 -4.97 2.89 25.50
CA LEU A 32 -5.29 3.59 24.26
C LEU A 32 -5.10 5.10 24.41
N THR A 33 -5.52 5.67 25.54
CA THR A 33 -5.31 7.09 25.81
C THR A 33 -3.82 7.42 25.82
N GLU A 34 -3.03 6.52 26.42
CA GLU A 34 -1.58 6.69 26.47
C GLU A 34 -0.97 6.62 25.06
N LEU A 35 -1.44 5.66 24.27
CA LEU A 35 -0.94 5.53 22.89
C LEU A 35 -1.25 6.79 22.12
N THR A 36 -2.46 7.32 22.32
CA THR A 36 -2.91 8.52 21.61
C THR A 36 -2.01 9.70 21.97
N ARG A 37 -1.61 9.80 23.23
CA ARG A 37 -0.68 10.85 23.65
C ARG A 37 0.66 10.75 22.94
N LEU A 38 1.19 9.54 22.82
CA LEU A 38 2.47 9.33 22.17
C LEU A 38 2.35 9.65 20.67
N LEU A 39 1.28 9.16 20.07
CA LEU A 39 1.06 9.39 18.63
C LEU A 39 0.83 10.87 18.32
N ARG A 40 0.26 11.61 19.27
CA ARG A 40 0.11 13.05 19.07
C ARG A 40 1.48 13.71 19.01
N SER A 41 2.39 13.28 19.88
CA SER A 41 3.75 13.80 19.85
C SER A 41 4.46 13.42 18.55
N VAL A 42 4.27 12.18 18.12
CA VAL A 42 4.84 11.72 16.84
C VAL A 42 4.26 12.55 15.69
N LEU A 43 2.95 12.75 15.68
CA LEU A 43 2.31 13.49 14.59
C LEU A 43 2.86 14.93 14.51
N ASP A 44 3.04 15.56 15.67
CA ASP A 44 3.58 16.91 15.70
C ASP A 44 5.00 16.95 15.14
N GLN A 45 5.81 15.97 15.51
CA GLN A 45 7.17 15.89 15.02
C GLN A 45 7.20 15.64 13.50
N LEU A 46 6.30 14.79 13.01
CA LEU A 46 6.29 14.51 11.58
C LEU A 46 5.86 15.73 10.79
N GLN A 47 4.86 16.45 11.30
CA GLN A 47 4.34 17.60 10.59
C GLN A 47 5.36 18.75 10.58
N ASP A 48 6.25 18.78 11.56
CA ASP A 48 7.31 19.79 11.59
C ASP A 48 8.26 19.61 10.41
N LYS A 49 8.30 18.39 9.87
CA LYS A 49 9.15 18.09 8.73
C LYS A 49 8.48 18.45 7.41
N ASP A 50 7.33 19.11 7.51
CA ASP A 50 6.59 19.64 6.35
C ASP A 50 6.38 21.14 6.56
N PRO A 51 7.46 21.91 6.55
CA PRO A 51 7.30 23.33 6.89
C PRO A 51 6.52 24.11 5.84
N ALA A 52 6.45 23.58 4.62
CA ALA A 52 5.68 24.24 3.56
C ALA A 52 4.17 23.99 3.68
N ARG A 53 3.79 23.09 4.59
CA ARG A 53 2.39 22.70 4.82
C ARG A 53 1.72 22.13 3.57
N ILE A 54 2.53 21.46 2.75
CA ILE A 54 2.03 20.81 1.55
C ILE A 54 1.07 19.66 1.89
N PHE A 55 1.26 19.03 3.04
CA PHE A 55 0.46 17.86 3.41
C PHE A 55 -0.51 18.13 4.56
N ALA A 56 -0.72 19.40 4.86
CA ALA A 56 -1.49 19.79 6.02
C ALA A 56 -2.99 19.52 5.86
N GLN A 57 -3.49 19.60 4.63
CA GLN A 57 -4.92 19.51 4.36
C GLN A 57 -5.23 18.55 3.22
N PRO A 58 -6.47 18.05 3.15
CA PRO A 58 -6.82 17.19 2.01
C PRO A 58 -6.67 17.92 0.69
N VAL A 59 -6.23 17.20 -0.34
CA VAL A 59 -6.23 17.75 -1.69
C VAL A 59 -7.67 18.17 -2.02
N SER A 60 -7.82 19.42 -2.44
CA SER A 60 -9.15 19.95 -2.74
C SER A 60 -9.70 19.45 -4.07
N LEU A 61 -10.90 18.90 -4.04
CA LEU A 61 -11.50 18.34 -5.24
C LEU A 61 -12.06 19.45 -6.11
N LYS A 62 -12.04 20.68 -5.60
CA LYS A 62 -12.38 21.84 -6.42
C LYS A 62 -11.17 22.25 -7.27
N GLU A 63 -9.98 22.21 -6.69
CA GLU A 63 -8.75 22.57 -7.42
C GLU A 63 -8.19 21.41 -8.24
N VAL A 64 -8.45 20.18 -7.80
CA VAL A 64 -8.01 19.00 -8.53
C VAL A 64 -9.21 18.05 -8.70
N PRO A 65 -10.11 18.38 -9.64
CA PRO A 65 -11.37 17.64 -9.75
C PRO A 65 -11.21 16.17 -10.10
N ASP A 66 -10.10 15.78 -10.74
CA ASP A 66 -9.91 14.39 -11.15
C ASP A 66 -9.15 13.55 -10.11
N TYR A 67 -8.90 14.10 -8.93
CA TYR A 67 -7.97 13.46 -7.99
C TYR A 67 -8.37 12.03 -7.62
N LEU A 68 -9.66 11.79 -7.43
CA LEU A 68 -10.12 10.49 -6.96
C LEU A 68 -10.09 9.44 -8.08
N ASP A 69 -9.92 9.88 -9.32
CA ASP A 69 -9.68 8.95 -10.42
C ASP A 69 -8.28 8.35 -10.31
N HIS A 70 -7.40 9.07 -9.62
CA HIS A 70 -6.00 8.69 -9.51
C HIS A 70 -5.68 8.02 -8.19
N ILE A 71 -6.17 8.65 -7.13
CA ILE A 71 -5.83 8.27 -5.77
C ILE A 71 -7.07 7.72 -5.07
N LYS A 72 -7.00 6.45 -4.68
CA LYS A 72 -8.21 5.81 -4.15
C LYS A 72 -8.40 6.02 -2.64
N HIS A 73 -7.32 6.33 -1.92
CA HIS A 73 -7.42 6.58 -0.51
C HIS A 73 -6.62 7.82 -0.11
N PRO A 74 -7.20 9.02 -0.32
CA PRO A 74 -6.53 10.26 0.03
C PRO A 74 -6.22 10.33 1.52
N MET A 75 -5.14 11.02 1.87
CA MET A 75 -4.80 11.21 3.27
C MET A 75 -4.01 12.51 3.42
N ASP A 76 -4.05 13.06 4.63
CA ASP A 76 -3.36 14.31 4.94
C ASP A 76 -3.25 14.44 6.46
N PHE A 77 -2.48 15.41 6.94
CA PHE A 77 -2.26 15.53 8.38
C PHE A 77 -3.53 15.93 9.15
N ALA A 78 -4.38 16.78 8.59
CA ALA A 78 -5.60 17.18 9.30
C ALA A 78 -6.53 15.99 9.51
N THR A 79 -6.64 15.16 8.48
CA THR A 79 -7.48 13.98 8.57
C THR A 79 -6.91 13.00 9.59
N MET A 80 -5.59 12.83 9.61
CA MET A 80 -4.97 12.00 10.64
C MET A 80 -5.25 12.53 12.04
N ARG A 81 -5.20 13.85 12.21
CA ARG A 81 -5.39 14.45 13.52
C ARG A 81 -6.82 14.22 14.02
N LYS A 82 -7.78 14.27 13.11
CA LYS A 82 -9.18 13.99 13.46
C LYS A 82 -9.35 12.56 13.95
N ARG A 83 -8.80 11.60 13.22
CA ARG A 83 -8.85 10.21 13.65
C ARG A 83 -8.13 10.02 14.98
N LEU A 84 -6.98 10.65 15.13
CA LEU A 84 -6.19 10.56 16.36
C LEU A 84 -6.96 11.03 17.60
N GLU A 85 -7.60 12.18 17.49
CA GLU A 85 -8.27 12.76 18.65
C GLU A 85 -9.57 12.03 18.98
N ALA A 86 -10.04 11.20 18.05
CA ALA A 86 -11.14 10.29 18.32
C ALA A 86 -10.61 8.95 18.82
N GLN A 87 -9.32 8.90 19.16
CA GLN A 87 -8.64 7.68 19.53
C GLN A 87 -8.88 6.54 18.53
N GLY A 88 -8.77 6.86 17.24
CA GLY A 88 -9.07 5.89 16.18
C GLY A 88 -7.89 5.09 15.67
N TYR A 89 -6.71 5.31 16.25
CA TYR A 89 -5.54 4.47 15.96
C TYR A 89 -5.30 3.49 17.11
N LYS A 90 -5.51 2.21 16.85
CA LYS A 90 -5.41 1.19 17.90
C LYS A 90 -3.97 0.77 18.16
N ASN A 91 -3.09 1.00 17.20
CA ASN A 91 -1.69 0.65 17.30
C ASN A 91 -0.87 1.54 16.38
N LEU A 92 0.45 1.46 16.48
CA LEU A 92 1.33 2.29 15.65
C LEU A 92 1.26 1.93 14.16
N HIS A 93 1.06 0.66 13.85
CA HIS A 93 0.97 0.23 12.45
C HIS A 93 -0.11 0.99 11.70
N GLU A 94 -1.28 1.16 12.34
CA GLU A 94 -2.40 1.85 11.72
C GLU A 94 -2.06 3.31 11.42
N PHE A 95 -1.36 3.93 12.36
CA PHE A 95 -0.90 5.31 12.22
C PHE A 95 0.10 5.40 11.08
N GLU A 96 1.05 4.49 11.07
CA GLU A 96 2.05 4.47 10.01
CA GLU A 96 2.05 4.47 10.01
C GLU A 96 1.45 4.26 8.62
N GLU A 97 0.41 3.42 8.54
N GLU A 97 0.39 3.46 8.51
CA GLU A 97 -0.28 3.21 7.27
CA GLU A 97 -0.21 3.22 7.21
C GLU A 97 -0.76 4.52 6.69
C GLU A 97 -0.89 4.47 6.66
N ASP A 98 -1.38 5.34 7.54
CA ASP A 98 -1.94 6.63 7.10
C ASP A 98 -0.83 7.60 6.71
N PHE A 99 0.27 7.63 7.47
CA PHE A 99 1.40 8.48 7.10
C PHE A 99 1.99 8.07 5.75
N ASP A 100 2.12 6.76 5.55
CA ASP A 100 2.63 6.27 4.28
C ASP A 100 1.71 6.63 3.11
N LEU A 101 0.39 6.68 3.35
CA LEU A 101 -0.54 7.11 2.30
C LEU A 101 -0.27 8.54 1.86
N ILE A 102 -0.01 9.42 2.81
CA ILE A 102 0.29 10.81 2.47
C ILE A 102 1.44 10.86 1.46
N ILE A 103 2.51 10.14 1.79
CA ILE A 103 3.73 10.10 0.98
CA ILE A 103 3.72 10.15 0.97
C ILE A 103 3.51 9.42 -0.36
N ASP A 104 2.96 8.22 -0.30
CA ASP A 104 2.82 7.41 -1.50
C ASP A 104 1.82 8.00 -2.49
N ASN A 105 0.75 8.62 -2.00
CA ASN A 105 -0.23 9.25 -2.89
C ASN A 105 0.44 10.37 -3.66
N CYS A 106 1.21 11.16 -2.94
CA CYS A 106 1.88 12.31 -3.52
C CYS A 106 2.89 11.91 -4.59
N MET A 107 3.64 10.84 -4.31
CA MET A 107 4.68 10.39 -5.22
CA MET A 107 4.69 10.45 -5.24
C MET A 107 4.13 9.69 -6.47
N LYS A 108 2.85 9.32 -6.44
CA LYS A 108 2.22 8.80 -7.65
CA LYS A 108 2.14 8.80 -7.61
C LYS A 108 1.58 9.92 -8.47
N TYR A 109 0.83 10.81 -7.83
CA TYR A 109 0.12 11.86 -8.56
C TYR A 109 1.05 12.88 -9.19
N ASN A 110 2.11 13.20 -8.47
CA ASN A 110 3.05 14.24 -8.91
C ASN A 110 4.33 13.64 -9.47
N ALA A 111 4.88 14.29 -10.49
CA ALA A 111 6.11 13.80 -11.12
C ALA A 111 7.33 14.12 -10.28
N ARG A 112 8.43 13.41 -10.56
CA ARG A 112 9.69 13.60 -9.83
C ARG A 112 10.24 15.02 -9.78
N ASP A 113 9.99 15.80 -10.83
CA ASP A 113 10.57 17.13 -10.91
C ASP A 113 9.70 18.20 -10.25
N THR A 114 8.77 17.80 -9.39
CA THR A 114 7.86 18.78 -8.79
C THR A 114 8.21 19.02 -7.33
N VAL A 115 7.86 20.22 -6.84
CA VAL A 115 8.07 20.56 -5.44
C VAL A 115 7.27 19.62 -4.53
N PHE A 116 6.13 19.12 -5.04
CA PHE A 116 5.29 18.22 -4.25
C PHE A 116 5.98 16.88 -4.05
N TYR A 117 6.44 16.26 -5.13
CA TYR A 117 7.12 14.97 -5.01
C TYR A 117 8.34 15.10 -4.11
N ARG A 118 9.11 16.16 -4.32
CA ARG A 118 10.35 16.33 -3.56
C ARG A 118 10.07 16.55 -2.07
N ALA A 119 8.96 17.22 -1.76
CA ALA A 119 8.57 17.43 -0.36
C ALA A 119 8.23 16.09 0.27
N ALA A 120 7.58 15.22 -0.48
CA ALA A 120 7.21 13.91 0.04
C ALA A 120 8.45 13.07 0.33
N VAL A 121 9.44 13.11 -0.57
CA VAL A 121 10.69 12.38 -0.33
C VAL A 121 11.37 12.85 0.96
N ARG A 122 11.43 14.16 1.15
CA ARG A 122 12.08 14.72 2.33
C ARG A 122 11.33 14.38 3.61
N LEU A 123 10.00 14.41 3.54
CA LEU A 123 9.16 14.03 4.68
C LEU A 123 9.35 12.56 5.04
N ARG A 124 9.39 11.69 4.03
CA ARG A 124 9.63 10.27 4.25
CA ARG A 124 9.62 10.27 4.29
C ARG A 124 10.98 10.03 4.92
N ASP A 125 12.02 10.67 4.39
CA ASP A 125 13.37 10.46 4.91
C ASP A 125 13.50 10.96 6.35
N GLN A 126 13.01 12.17 6.61
CA GLN A 126 13.14 12.77 7.94
C GLN A 126 12.20 12.09 8.94
N GLY A 127 11.07 11.60 8.44
CA GLY A 127 10.07 10.97 9.27
C GLY A 127 10.51 9.61 9.78
N GLY A 128 11.34 8.94 8.98
CA GLY A 128 11.81 7.61 9.33
C GLY A 128 12.50 7.56 10.69
N VAL A 129 13.29 8.60 10.97
CA VAL A 129 14.00 8.72 12.24
C VAL A 129 13.03 8.73 13.40
N VAL A 130 12.01 9.58 13.28
CA VAL A 130 10.97 9.74 14.29
C VAL A 130 10.21 8.43 14.53
N LEU A 131 9.81 7.79 13.45
CA LEU A 131 9.03 6.56 13.53
C LEU A 131 9.84 5.38 14.06
N ARG A 132 11.15 5.39 13.78
CA ARG A 132 12.02 4.34 14.29
C ARG A 132 12.01 4.33 15.82
N GLN A 133 12.11 5.50 16.43
CA GLN A 133 12.17 5.57 17.89
C GLN A 133 10.77 5.42 18.50
N ALA A 134 9.75 5.85 17.76
CA ALA A 134 8.37 5.66 18.22
C ALA A 134 8.04 4.17 18.37
N ARG A 135 8.52 3.36 17.44
CA ARG A 135 8.32 1.92 17.52
C ARG A 135 8.97 1.35 18.78
N ARG A 136 10.19 1.80 19.08
CA ARG A 136 10.86 1.34 20.28
C ARG A 136 10.08 1.72 21.54
N GLU A 137 9.56 2.94 21.58
CA GLU A 137 8.83 3.43 22.75
C GLU A 137 7.51 2.71 22.94
N VAL A 138 6.80 2.43 21.85
CA VAL A 138 5.53 1.74 21.93
C VAL A 138 5.77 0.33 22.47
N ASP A 139 6.79 -0.34 21.95
CA ASP A 139 7.18 -1.67 22.41
C ASP A 139 7.62 -1.70 23.88
N SER A 140 8.51 -0.79 24.25
CA SER A 140 9.08 -0.79 25.60
C SER A 140 8.01 -0.51 26.65
N ILE A 141 7.23 0.55 26.45
CA ILE A 141 6.18 0.89 27.41
C ILE A 141 5.01 -0.09 27.32
N GLY A 142 4.88 -0.74 26.17
CA GLY A 142 3.79 -1.69 25.95
C GLY A 142 2.46 -0.99 25.78
N LEU A 143 2.33 -0.21 24.70
CA LEU A 143 1.15 0.63 24.51
C LEU A 143 0.11 0.05 23.55
N GLU A 144 0.34 -1.17 23.07
CA GLU A 144 -0.58 -1.78 22.12
C GLU A 144 -0.71 -3.29 22.34
N SER B 22 -3.67 -38.22 8.03
CA SER B 22 -4.86 -37.80 8.75
C SER B 22 -5.74 -36.98 7.85
N MET B 23 -7.01 -36.85 8.20
CA MET B 23 -7.93 -36.07 7.38
C MET B 23 -7.60 -34.59 7.49
N GLU B 24 -6.95 -34.19 8.57
CA GLU B 24 -6.49 -32.82 8.70
C GLU B 24 -5.42 -32.48 7.66
N GLN B 25 -4.52 -33.42 7.38
CA GLN B 25 -3.51 -33.24 6.33
C GLN B 25 -4.16 -33.19 4.96
N VAL B 26 -5.14 -34.05 4.76
CA VAL B 26 -5.86 -34.06 3.50
C VAL B 26 -6.53 -32.71 3.26
N ALA B 27 -7.18 -32.18 4.28
CA ALA B 27 -7.87 -30.90 4.11
C ALA B 27 -6.87 -29.77 3.84
N MET B 28 -5.73 -29.78 4.52
CA MET B 28 -4.73 -28.74 4.29
C MET B 28 -4.17 -28.78 2.87
N GLU B 29 -3.89 -29.99 2.38
CA GLU B 29 -3.39 -30.12 1.02
C GLU B 29 -4.43 -29.70 -0.01
N LEU B 30 -5.71 -30.01 0.24
CA LEU B 30 -6.78 -29.53 -0.64
C LEU B 30 -6.87 -28.00 -0.65
N ARG B 31 -6.75 -27.37 0.51
CA ARG B 31 -6.82 -25.91 0.56
C ARG B 31 -5.64 -25.31 -0.20
N LEU B 32 -4.48 -25.96 -0.10
CA LEU B 32 -3.29 -25.51 -0.84
C LEU B 32 -3.50 -25.59 -2.34
N THR B 33 -4.01 -26.73 -2.81
CA THR B 33 -4.12 -26.88 -4.26
C THR B 33 -5.26 -26.04 -4.83
N GLU B 34 -6.33 -25.87 -4.06
CA GLU B 34 -7.42 -25.02 -4.52
C GLU B 34 -7.06 -23.54 -4.52
N LEU B 35 -6.30 -23.08 -3.53
CA LEU B 35 -5.77 -21.72 -3.57
C LEU B 35 -4.90 -21.52 -4.80
N THR B 36 -4.03 -22.50 -5.08
CA THR B 36 -3.13 -22.37 -6.21
C THR B 36 -3.93 -22.32 -7.52
N ARG B 37 -4.96 -23.15 -7.62
CA ARG B 37 -5.83 -23.12 -8.80
CA ARG B 37 -5.83 -23.12 -8.80
C ARG B 37 -6.47 -21.74 -8.98
N LEU B 38 -6.97 -21.18 -7.89
CA LEU B 38 -7.59 -19.85 -7.95
C LEU B 38 -6.58 -18.78 -8.35
N LEU B 39 -5.42 -18.77 -7.71
CA LEU B 39 -4.43 -17.72 -8.02
C LEU B 39 -3.92 -17.85 -9.46
N ARG B 40 -3.78 -19.08 -9.95
CA ARG B 40 -3.35 -19.26 -11.34
C ARG B 40 -4.36 -18.64 -12.31
N SER B 41 -5.64 -18.81 -11.99
CA SER B 41 -6.70 -18.25 -12.82
C SER B 41 -6.70 -16.74 -12.75
N VAL B 42 -6.52 -16.19 -11.55
CA VAL B 42 -6.44 -14.74 -11.37
C VAL B 42 -5.27 -14.18 -12.15
N LEU B 43 -4.09 -14.79 -12.01
CA LEU B 43 -2.92 -14.28 -12.71
C LEU B 43 -3.10 -14.35 -14.22
N ASP B 44 -3.69 -15.44 -14.73
N ASP B 44 -3.70 -15.43 -14.71
CA ASP B 44 -3.91 -15.53 -16.16
CA ASP B 44 -3.95 -15.57 -16.15
C ASP B 44 -4.88 -14.43 -16.63
C ASP B 44 -4.89 -14.46 -16.64
N GLN B 45 -5.92 -14.18 -15.86
CA GLN B 45 -6.87 -13.10 -16.18
C GLN B 45 -6.20 -11.75 -16.20
N LEU B 46 -5.31 -11.50 -15.24
CA LEU B 46 -4.64 -10.20 -15.19
C LEU B 46 -3.70 -10.02 -16.38
N GLN B 47 -2.88 -11.03 -16.67
CA GLN B 47 -1.96 -10.93 -17.82
C GLN B 47 -2.68 -10.79 -19.15
N ASP B 48 -3.82 -11.43 -19.30
CA ASP B 48 -4.55 -11.35 -20.56
CA ASP B 48 -4.59 -11.36 -20.54
C ASP B 48 -5.02 -9.93 -20.85
N LYS B 49 -5.05 -9.09 -19.82
CA LYS B 49 -5.45 -7.69 -19.98
C LYS B 49 -4.27 -6.80 -20.34
N ASP B 50 -3.09 -7.40 -20.46
CA ASP B 50 -1.85 -6.66 -20.78
C ASP B 50 -1.18 -7.22 -22.05
N PRO B 51 -1.87 -7.10 -23.20
CA PRO B 51 -1.27 -7.63 -24.44
C PRO B 51 -0.01 -6.90 -24.90
N ALA B 52 0.18 -5.65 -24.47
CA ALA B 52 1.41 -4.93 -24.80
C ALA B 52 2.59 -5.39 -23.95
N ARG B 53 2.32 -6.28 -23.00
CA ARG B 53 3.34 -6.87 -22.14
CA ARG B 53 3.34 -6.88 -22.13
C ARG B 53 4.12 -5.82 -21.35
N ILE B 54 3.46 -4.72 -20.98
CA ILE B 54 4.08 -3.68 -20.19
C ILE B 54 4.52 -4.21 -18.82
N PHE B 55 3.74 -5.12 -18.25
CA PHE B 55 3.98 -5.61 -16.89
C PHE B 55 4.43 -7.06 -16.88
N ALA B 56 4.80 -7.58 -18.03
CA ALA B 56 5.08 -9.02 -18.16
C ALA B 56 6.40 -9.48 -17.54
N GLN B 57 7.40 -8.62 -17.58
CA GLN B 57 8.77 -8.97 -17.21
C GLN B 57 9.37 -7.85 -16.38
N PRO B 58 10.42 -8.15 -15.61
CA PRO B 58 11.08 -7.07 -14.87
C PRO B 58 11.50 -5.90 -15.78
N VAL B 59 11.36 -4.68 -15.28
CA VAL B 59 11.87 -3.51 -16.00
C VAL B 59 13.37 -3.72 -16.21
N SER B 60 13.83 -3.45 -17.43
CA SER B 60 15.24 -3.63 -17.80
C SER B 60 16.11 -2.48 -17.31
N LEU B 61 17.11 -2.80 -16.50
CA LEU B 61 18.04 -1.80 -15.99
C LEU B 61 18.92 -1.25 -17.11
N LYS B 62 19.15 -2.06 -18.14
CA LYS B 62 19.87 -1.60 -19.33
C LYS B 62 19.08 -0.49 -20.02
N GLU B 63 17.78 -0.70 -20.17
CA GLU B 63 16.92 0.27 -20.86
C GLU B 63 16.47 1.42 -19.96
N VAL B 64 16.40 1.18 -18.65
CA VAL B 64 15.97 2.20 -17.69
C VAL B 64 16.96 2.27 -16.54
N PRO B 65 18.14 2.88 -16.78
CA PRO B 65 19.25 2.86 -15.82
C PRO B 65 18.94 3.43 -14.44
N ASP B 66 17.98 4.36 -14.36
CA ASP B 66 17.70 4.98 -13.06
C ASP B 66 16.53 4.34 -12.31
N TYR B 67 16.04 3.19 -12.79
CA TYR B 67 14.81 2.62 -12.21
C TYR B 67 14.93 2.35 -10.70
N LEU B 68 16.05 1.77 -10.27
CA LEU B 68 16.25 1.44 -8.87
C LEU B 68 16.63 2.63 -7.99
N ASP B 69 16.90 3.78 -8.61
CA ASP B 69 17.07 5.02 -7.84
C ASP B 69 15.75 5.35 -7.15
N HIS B 70 14.65 4.92 -7.77
CA HIS B 70 13.33 5.34 -7.34
C HIS B 70 12.44 4.20 -6.85
N ILE B 71 12.58 3.03 -7.45
CA ILE B 71 11.71 1.91 -7.10
C ILE B 71 12.48 0.91 -6.24
N LYS B 72 12.04 0.74 -5.00
CA LYS B 72 12.77 -0.08 -4.05
C LYS B 72 12.42 -1.57 -4.15
N HIS B 73 11.21 -1.89 -4.57
CA HIS B 73 10.80 -3.29 -4.72
C HIS B 73 10.12 -3.58 -6.06
N PRO B 74 10.92 -3.81 -7.11
CA PRO B 74 10.39 -4.12 -8.44
C PRO B 74 9.48 -5.35 -8.42
N MET B 75 8.45 -5.34 -9.26
CA MET B 75 7.59 -6.51 -9.41
C MET B 75 7.01 -6.55 -10.82
N ASP B 76 6.64 -7.76 -11.27
CA ASP B 76 6.13 -8.00 -12.61
C ASP B 76 5.44 -9.34 -12.64
N PHE B 77 4.68 -9.62 -13.71
CA PHE B 77 3.86 -10.83 -13.74
C PHE B 77 4.69 -12.12 -13.79
N ALA B 78 5.85 -12.11 -14.45
CA ALA B 78 6.69 -13.31 -14.49
C ALA B 78 7.20 -13.68 -13.11
N THR B 79 7.61 -12.67 -12.35
CA THR B 79 8.10 -12.88 -11.01
C THR B 79 6.96 -13.39 -10.11
N MET B 80 5.75 -12.89 -10.32
CA MET B 80 4.59 -13.40 -9.57
C MET B 80 4.32 -14.86 -9.93
N ARG B 81 4.39 -15.19 -11.21
CA ARG B 81 4.14 -16.56 -11.63
C ARG B 81 5.16 -17.53 -11.01
N LYS B 82 6.42 -17.10 -10.94
CA LYS B 82 7.47 -17.91 -10.33
C LYS B 82 7.15 -18.18 -8.87
N ARG B 83 6.74 -17.14 -8.15
CA ARG B 83 6.41 -17.28 -6.74
C ARG B 83 5.18 -18.19 -6.56
N LEU B 84 4.17 -18.00 -7.41
CA LEU B 84 2.98 -18.83 -7.36
C LEU B 84 3.29 -20.30 -7.54
N GLU B 85 4.03 -20.63 -8.59
CA GLU B 85 4.23 -22.04 -8.92
C GLU B 85 5.20 -22.71 -7.97
N ALA B 86 6.00 -21.90 -7.27
CA ALA B 86 6.91 -22.44 -6.26
C ALA B 86 6.27 -22.58 -4.89
N GLN B 87 4.95 -22.41 -4.82
CA GLN B 87 4.19 -22.45 -3.56
C GLN B 87 4.55 -21.32 -2.59
N GLY B 88 4.89 -20.15 -3.12
CA GLY B 88 5.29 -19.01 -2.30
C GLY B 88 4.21 -18.03 -1.87
N TYR B 89 2.98 -18.23 -2.31
CA TYR B 89 1.84 -17.45 -1.82
C TYR B 89 1.04 -18.27 -0.80
N LYS B 90 1.04 -17.80 0.43
CA LYS B 90 0.33 -18.49 1.52
C LYS B 90 -1.16 -18.21 1.50
N ASN B 91 -1.54 -17.06 0.95
CA ASN B 91 -2.94 -16.63 0.92
C ASN B 91 -3.16 -15.59 -0.17
N LEU B 92 -4.42 -15.23 -0.40
CA LEU B 92 -4.74 -14.27 -1.44
C LEU B 92 -4.14 -12.89 -1.16
N HIS B 93 -4.09 -12.48 0.10
CA HIS B 93 -3.56 -11.15 0.39
C HIS B 93 -2.11 -10.99 -0.05
N GLU B 94 -1.28 -12.01 0.12
CA GLU B 94 0.13 -11.96 -0.30
C GLU B 94 0.23 -11.75 -1.81
N PHE B 95 -0.66 -12.41 -2.56
CA PHE B 95 -0.76 -12.24 -4.00
C PHE B 95 -1.18 -10.80 -4.34
N GLU B 96 -2.22 -10.31 -3.66
CA GLU B 96 -2.70 -8.95 -3.84
CA GLU B 96 -2.71 -8.95 -3.84
C GLU B 96 -1.61 -7.91 -3.62
N GLU B 97 -0.78 -8.12 -2.59
CA GLU B 97 0.30 -7.19 -2.31
C GLU B 97 1.31 -7.10 -3.47
N ASP B 98 1.62 -8.23 -4.10
CA ASP B 98 2.54 -8.19 -5.25
C ASP B 98 1.88 -7.49 -6.45
N PHE B 99 0.59 -7.73 -6.68
CA PHE B 99 -0.10 -7.02 -7.77
C PHE B 99 -0.08 -5.52 -7.50
N ASP B 100 -0.37 -5.12 -6.27
CA ASP B 100 -0.32 -3.70 -5.94
C ASP B 100 1.08 -3.09 -6.17
N LEU B 101 2.14 -3.85 -5.94
CA LEU B 101 3.50 -3.39 -6.21
C LEU B 101 3.65 -3.06 -7.69
N ILE B 102 3.18 -3.97 -8.55
CA ILE B 102 3.25 -3.71 -9.99
C ILE B 102 2.60 -2.37 -10.35
N ILE B 103 1.39 -2.16 -9.84
CA ILE B 103 0.63 -0.95 -10.14
C ILE B 103 1.29 0.29 -9.52
N ASP B 104 1.60 0.19 -8.24
CA ASP B 104 2.14 1.34 -7.51
C ASP B 104 3.50 1.77 -8.05
N ASN B 105 4.37 0.81 -8.38
CA ASN B 105 5.68 1.14 -8.92
C ASN B 105 5.55 1.91 -10.22
N CYS B 106 4.62 1.46 -11.06
CA CYS B 106 4.42 2.10 -12.36
C CYS B 106 3.84 3.50 -12.20
N MET B 107 2.89 3.67 -11.28
CA MET B 107 2.30 4.99 -11.05
C MET B 107 3.31 5.93 -10.40
N LYS B 108 4.24 5.40 -9.61
CA LYS B 108 5.28 6.23 -8.99
CA LYS B 108 5.29 6.22 -9.00
C LYS B 108 6.38 6.62 -9.99
N TYR B 109 6.79 5.68 -10.83
CA TYR B 109 7.91 5.96 -11.75
C TYR B 109 7.48 6.83 -12.92
N ASN B 110 6.26 6.63 -13.40
CA ASN B 110 5.82 7.36 -14.59
C ASN B 110 4.95 8.56 -14.25
N ALA B 111 5.10 9.63 -15.03
CA ALA B 111 4.23 10.80 -14.85
C ALA B 111 2.78 10.48 -15.20
N ARG B 112 1.82 11.18 -14.60
CA ARG B 112 0.43 10.78 -14.74
C ARG B 112 -0.07 10.95 -16.19
N ASP B 113 0.44 11.93 -16.91
CA ASP B 113 0.01 12.12 -18.29
C ASP B 113 0.91 11.33 -19.25
N THR B 114 0.93 10.01 -19.08
CA THR B 114 1.71 9.10 -19.91
C THR B 114 0.91 7.82 -20.18
N VAL B 115 1.29 7.12 -21.26
CA VAL B 115 0.63 5.88 -21.65
C VAL B 115 0.83 4.78 -20.59
N PHE B 116 2.05 4.67 -20.04
CA PHE B 116 2.29 3.60 -19.07
C PHE B 116 1.58 3.86 -17.75
N TYR B 117 1.51 5.12 -17.31
CA TYR B 117 0.75 5.42 -16.10
C TYR B 117 -0.72 5.08 -16.32
N ARG B 118 -1.26 5.47 -17.47
CA ARG B 118 -2.67 5.18 -17.71
C ARG B 118 -2.90 3.67 -17.82
N ALA B 119 -1.91 2.92 -18.31
CA ALA B 119 -2.02 1.47 -18.35
C ALA B 119 -2.14 0.89 -16.95
N ALA B 120 -1.35 1.41 -16.02
CA ALA B 120 -1.44 0.95 -14.63
C ALA B 120 -2.80 1.28 -14.01
N VAL B 121 -3.32 2.48 -14.30
CA VAL B 121 -4.65 2.84 -13.80
C VAL B 121 -5.72 1.90 -14.35
N ARG B 122 -5.61 1.58 -15.64
CA ARG B 122 -6.52 0.65 -16.30
C ARG B 122 -6.46 -0.74 -15.66
N LEU B 123 -5.25 -1.27 -15.52
CA LEU B 123 -5.05 -2.58 -14.92
C LEU B 123 -5.46 -2.62 -13.43
N ARG B 124 -5.27 -1.50 -12.74
CA ARG B 124 -5.70 -1.43 -11.35
C ARG B 124 -7.21 -1.60 -11.22
N ASP B 125 -7.97 -0.90 -12.06
N ASP B 125 -7.96 -0.96 -12.10
CA ASP B 125 -9.44 -1.00 -12.10
CA ASP B 125 -9.41 -0.98 -11.98
C ASP B 125 -9.87 -2.41 -12.39
C ASP B 125 -10.02 -2.30 -12.52
N GLN B 126 -9.37 -2.93 -13.49
CA GLN B 126 -9.77 -4.24 -13.95
C GLN B 126 -9.34 -5.29 -12.93
N GLY B 127 -8.12 -5.15 -12.41
CA GLY B 127 -7.60 -6.11 -11.46
C GLY B 127 -8.32 -6.06 -10.13
N GLY B 128 -8.74 -4.88 -9.71
CA GLY B 128 -9.49 -4.75 -8.48
C GLY B 128 -10.75 -5.59 -8.52
N VAL B 129 -11.42 -5.60 -9.67
CA VAL B 129 -12.65 -6.38 -9.80
C VAL B 129 -12.34 -7.87 -9.75
N VAL B 130 -11.31 -8.30 -10.46
CA VAL B 130 -10.91 -9.71 -10.48
C VAL B 130 -10.57 -10.16 -9.07
N LEU B 131 -9.82 -9.32 -8.34
CA LEU B 131 -9.39 -9.68 -6.99
C LEU B 131 -10.54 -9.68 -5.99
N ARG B 132 -11.50 -8.77 -6.13
CA ARG B 132 -12.66 -8.83 -5.26
C ARG B 132 -13.48 -10.11 -5.49
N GLN B 133 -13.59 -10.54 -6.74
CA GLN B 133 -14.24 -11.81 -7.06
C GLN B 133 -13.45 -12.98 -6.48
N ALA B 134 -12.12 -12.89 -6.56
CA ALA B 134 -11.29 -13.93 -5.98
C ALA B 134 -11.51 -14.04 -4.46
N ARG B 135 -11.74 -12.91 -3.79
CA ARG B 135 -12.01 -12.93 -2.36
C ARG B 135 -13.35 -13.64 -2.08
N ARG B 136 -14.35 -13.39 -2.91
CA ARG B 136 -15.62 -14.10 -2.78
C ARG B 136 -15.41 -15.61 -2.95
N GLU B 137 -14.52 -16.00 -3.86
CA GLU B 137 -14.24 -17.42 -4.07
C GLU B 137 -13.47 -18.03 -2.90
N VAL B 138 -12.52 -17.29 -2.34
CA VAL B 138 -11.84 -17.72 -1.12
C VAL B 138 -12.85 -18.05 -0.02
N ASP B 139 -13.82 -17.16 0.15
CA ASP B 139 -14.84 -17.38 1.18
C ASP B 139 -15.76 -18.55 0.85
N SER B 140 -16.16 -18.66 -0.40
CA SER B 140 -17.06 -19.72 -0.84
C SER B 140 -16.42 -21.12 -0.76
N ILE B 141 -15.16 -21.21 -1.17
CA ILE B 141 -14.45 -22.49 -1.18
C ILE B 141 -13.98 -22.89 0.22
N GLY B 142 -13.78 -21.91 1.09
CA GLY B 142 -13.32 -22.14 2.45
C GLY B 142 -11.81 -22.19 2.61
N LEU B 143 -11.11 -21.34 1.87
CA LEU B 143 -9.65 -21.40 1.81
C LEU B 143 -8.96 -20.76 3.00
N GLU B 144 -9.68 -19.98 3.79
CA GLU B 144 -9.09 -19.38 4.99
C GLU B 144 -9.82 -19.77 6.28
#